data_6TYU
#
_entry.id   6TYU
#
_cell.length_a   44.574
_cell.length_b   71.350
_cell.length_c   79.163
_cell.angle_alpha   90.000
_cell.angle_beta   90.000
_cell.angle_gamma   90.000
#
_symmetry.space_group_name_H-M   'P 21 21 21'
#
loop_
_entity.id
_entity.type
_entity.pdbx_description
1 polymer 'X-ray repair cross-complementing protein 5'
2 polymer LYS-THR-ARG-VAL-LEU-PRO-SER-TRP-LEU-THR-ALA
3 water water
#
loop_
_entity_poly.entity_id
_entity_poly.type
_entity_poly.pdbx_seq_one_letter_code
_entity_poly.pdbx_strand_id
1 'polypeptide(L)'
;MHHHHHHMARAAKSAVVLCMDVGLAMSHSNQGKESPFEQAKKVMMLFLQRQVFAESKDEIAVVLYGTDTTDNALAREDQY
ENISVHRHLMLPDFDLLEQIENVVEPGSVQADFLDALIVSMDLLQKETLGKKYTRLHIAVFSDLSSPFSVDQLEVIIANL
KKAEITLQFFLPFSVDEGSGPGKGLSDQQKEGIEMVRKIMFSLDGEEGLSEVFTFRDSLERLSIFKKIERR
;
A
2 'polypeptide(L)' SETKTRVLPSWLTAQV B
#
# COMPACT_ATOMS: atom_id res chain seq x y z
N LYS A 13 7.70 11.97 15.84
CA LYS A 13 7.31 11.82 14.44
C LYS A 13 6.88 10.38 14.15
N SER A 14 6.16 10.20 13.05
CA SER A 14 5.78 8.88 12.58
C SER A 14 6.38 8.58 11.20
N ALA A 15 6.40 7.29 10.87
CA ALA A 15 6.91 6.80 9.59
C ALA A 15 5.78 6.12 8.85
N VAL A 16 5.54 6.55 7.62
CA VAL A 16 4.39 6.09 6.83
C VAL A 16 4.89 5.60 5.48
N VAL A 17 4.42 4.42 5.07
CA VAL A 17 4.57 3.94 3.70
C VAL A 17 3.21 3.99 3.03
N LEU A 18 3.13 4.70 1.93
CA LEU A 18 1.97 4.63 1.03
C LEU A 18 2.28 3.57 -0.02
N CYS A 19 1.52 2.48 0.00
CA CYS A 19 1.75 1.31 -0.84
C CYS A 19 0.59 1.27 -1.84
N MET A 20 0.87 1.68 -3.07
N MET A 20 0.86 1.75 -3.06
CA MET A 20 -0.16 2.05 -4.03
CA MET A 20 -0.18 2.06 -4.04
C MET A 20 -0.18 1.06 -5.19
C MET A 20 -0.17 1.02 -5.15
N ASP A 21 -1.33 0.43 -5.40
CA ASP A 21 -1.53 -0.43 -6.57
C ASP A 21 -1.69 0.46 -7.79
N VAL A 22 -0.78 0.33 -8.76
CA VAL A 22 -0.89 1.03 -10.04
C VAL A 22 -1.08 0.05 -11.18
N GLY A 23 -1.49 -1.18 -10.88
CA GLY A 23 -1.68 -2.17 -11.91
C GLY A 23 -2.76 -1.80 -12.90
N LEU A 24 -2.78 -2.57 -13.98
CA LEU A 24 -3.59 -2.22 -15.15
C LEU A 24 -5.08 -2.08 -14.79
N ALA A 25 -5.58 -2.94 -13.93
CA ALA A 25 -6.98 -2.89 -13.54
C ALA A 25 -7.38 -1.55 -12.91
N MET A 26 -6.43 -0.90 -12.26
CA MET A 26 -6.73 0.35 -11.60
C MET A 26 -7.05 1.46 -12.58
N SER A 27 -6.70 1.28 -13.85
CA SER A 27 -6.94 2.26 -14.89
CA SER A 27 -6.96 2.30 -14.86
C SER A 27 -8.32 2.15 -15.51
N HIS A 28 -9.08 1.11 -15.17
CA HIS A 28 -10.39 0.94 -15.78
C HIS A 28 -11.38 1.91 -15.16
N SER A 29 -11.96 2.79 -15.99
CA SER A 29 -12.78 3.88 -15.50
C SER A 29 -14.27 3.60 -15.76
N ASN A 30 -14.94 3.14 -14.70
CA ASN A 30 -16.38 2.90 -14.76
C ASN A 30 -17.06 3.33 -13.47
N GLN A 31 -16.40 4.16 -12.67
CA GLN A 31 -17.01 4.76 -11.49
C GLN A 31 -16.70 6.25 -11.59
N GLY A 32 -17.65 7.01 -12.03
CA GLY A 32 -17.43 8.43 -12.09
C GLY A 32 -16.42 8.80 -13.18
N LYS A 33 -15.94 10.05 -13.07
CA LYS A 33 -15.04 10.57 -14.08
C LYS A 33 -13.60 10.17 -13.85
N GLU A 34 -13.22 9.66 -12.66
CA GLU A 34 -11.84 9.32 -12.31
C GLU A 34 -11.72 7.83 -12.10
N SER A 35 -10.72 7.21 -12.74
CA SER A 35 -10.44 5.81 -12.49
C SER A 35 -9.92 5.61 -11.06
N PRO A 36 -9.95 4.37 -10.55
CA PRO A 36 -9.33 4.11 -9.24
C PRO A 36 -7.91 4.61 -9.14
N PHE A 37 -7.12 4.42 -10.20
CA PHE A 37 -5.76 4.95 -10.19
C PHE A 37 -5.76 6.46 -9.98
N GLU A 38 -6.55 7.20 -10.73
N GLU A 38 -6.57 7.19 -10.73
CA GLU A 38 -6.54 8.65 -10.59
CA GLU A 38 -6.60 8.64 -10.62
C GLU A 38 -7.11 9.09 -9.25
C GLU A 38 -7.10 9.06 -9.23
N GLN A 39 -8.08 8.34 -8.69
CA GLN A 39 -8.59 8.68 -7.37
C GLN A 39 -7.54 8.49 -6.30
N ALA A 40 -6.80 7.38 -6.37
CA ALA A 40 -5.79 7.10 -5.36
C ALA A 40 -4.65 8.09 -5.43
N LYS A 41 -4.23 8.43 -6.65
CA LYS A 41 -3.21 9.45 -6.83
C LYS A 41 -3.65 10.78 -6.23
N LYS A 42 -4.91 11.16 -6.44
CA LYS A 42 -5.41 12.41 -5.89
C LYS A 42 -5.37 12.41 -4.37
N VAL A 43 -5.78 11.31 -3.74
CA VAL A 43 -5.69 11.21 -2.29
C VAL A 43 -4.25 11.33 -1.83
N MET A 44 -3.34 10.60 -2.47
N MET A 44 -3.34 10.62 -2.48
CA MET A 44 -1.93 10.69 -2.09
CA MET A 44 -1.94 10.68 -2.08
C MET A 44 -1.45 12.12 -2.16
C MET A 44 -1.41 12.10 -2.18
N MET A 45 -1.78 12.82 -3.25
CA MET A 45 -1.32 14.19 -3.42
C MET A 45 -1.90 15.11 -2.35
N LEU A 46 -3.19 14.97 -2.05
CA LEU A 46 -3.78 15.82 -1.02
C LEU A 46 -3.14 15.56 0.33
N PHE A 47 -2.89 14.28 0.63
CA PHE A 47 -2.25 13.93 1.89
C PHE A 47 -0.86 14.52 1.97
N LEU A 48 -0.08 14.35 0.91
CA LEU A 48 1.28 14.88 0.91
C LEU A 48 1.27 16.40 0.97
N GLN A 49 0.32 17.05 0.29
CA GLN A 49 0.23 18.50 0.37
C GLN A 49 -0.06 18.96 1.79
N ARG A 50 -1.00 18.29 2.47
CA ARG A 50 -1.26 18.61 3.86
C ARG A 50 0.01 18.52 4.69
N GLN A 51 0.79 17.45 4.48
CA GLN A 51 2.00 17.25 5.25
C GLN A 51 3.03 18.33 4.95
N VAL A 52 3.17 18.72 3.69
CA VAL A 52 4.16 19.72 3.31
C VAL A 52 3.75 21.09 3.85
N PHE A 53 2.49 21.47 3.65
CA PHE A 53 2.04 22.78 4.10
C PHE A 53 2.08 22.90 5.61
N ALA A 54 1.81 21.82 6.33
CA ALA A 54 1.83 21.83 7.79
C ALA A 54 3.24 21.72 8.37
N GLU A 55 4.26 21.55 7.53
CA GLU A 55 5.63 21.31 7.97
C GLU A 55 5.69 20.20 9.01
N SER A 56 4.94 19.15 8.74
CA SER A 56 4.97 17.98 9.63
C SER A 56 6.34 17.34 9.58
N LYS A 57 6.71 16.70 10.66
CA LYS A 57 7.99 16.00 10.71
C LYS A 57 7.87 14.53 10.34
N ASP A 58 6.66 14.07 10.00
CA ASP A 58 6.50 12.69 9.61
C ASP A 58 7.30 12.40 8.34
N GLU A 59 7.89 11.21 8.29
CA GLU A 59 8.59 10.73 7.11
C GLU A 59 7.66 9.80 6.33
N ILE A 60 7.67 9.92 5.00
N ILE A 60 7.63 9.98 5.01
CA ILE A 60 6.68 9.25 4.15
CA ILE A 60 6.73 9.28 4.12
C ILE A 60 7.38 8.63 2.96
C ILE A 60 7.55 8.59 3.05
N ALA A 61 7.26 7.31 2.83
CA ALA A 61 7.79 6.57 1.69
C ALA A 61 6.62 6.20 0.77
N VAL A 62 6.94 5.93 -0.49
CA VAL A 62 5.96 5.54 -1.50
C VAL A 62 6.47 4.31 -2.21
N VAL A 63 5.70 3.24 -2.16
CA VAL A 63 5.97 1.99 -2.84
C VAL A 63 4.84 1.78 -3.83
N LEU A 64 5.17 1.51 -5.07
CA LEU A 64 4.19 1.26 -6.11
C LEU A 64 4.26 -0.19 -6.52
N TYR A 65 3.10 -0.83 -6.69
CA TYR A 65 3.09 -2.19 -7.18
C TYR A 65 2.18 -2.30 -8.37
N GLY A 66 2.58 -3.15 -9.31
CA GLY A 66 1.97 -3.16 -10.62
C GLY A 66 2.72 -2.32 -11.63
N THR A 67 3.96 -1.94 -11.32
CA THR A 67 4.75 -1.13 -12.23
C THR A 67 5.42 -2.02 -13.27
N ASP A 68 5.63 -1.45 -14.46
CA ASP A 68 6.22 -2.22 -15.55
C ASP A 68 7.65 -2.59 -15.21
N THR A 69 8.38 -1.71 -14.54
CA THR A 69 9.73 -2.01 -14.12
C THR A 69 9.74 -2.44 -12.66
N THR A 70 10.87 -2.97 -12.23
CA THR A 70 11.05 -3.47 -10.87
C THR A 70 12.23 -2.74 -10.25
N ASP A 71 12.05 -2.21 -9.03
CA ASP A 71 13.14 -1.49 -8.36
C ASP A 71 12.89 -1.58 -6.86
N ASN A 72 13.44 -2.62 -6.25
CA ASN A 72 13.35 -2.78 -4.80
C ASN A 72 14.46 -3.73 -4.35
N ALA A 73 14.73 -3.67 -3.06
CA ALA A 73 15.88 -4.37 -2.49
C ALA A 73 15.71 -5.89 -2.48
N LEU A 74 14.49 -6.40 -2.60
CA LEU A 74 14.25 -7.83 -2.55
C LEU A 74 14.14 -8.46 -3.93
N ALA A 75 14.20 -7.65 -4.98
CA ALA A 75 13.95 -8.14 -6.33
C ALA A 75 15.10 -9.01 -6.79
N ARG A 76 14.77 -10.20 -7.26
CA ARG A 76 15.73 -11.06 -7.93
C ARG A 76 14.89 -12.11 -8.66
N GLU A 77 15.37 -12.61 -9.80
CA GLU A 77 14.54 -13.27 -10.80
C GLU A 77 13.32 -13.96 -10.20
N ASP A 78 12.13 -13.56 -10.66
CA ASP A 78 10.88 -14.18 -10.25
C ASP A 78 10.52 -13.89 -8.80
N GLN A 79 11.12 -12.86 -8.20
CA GLN A 79 10.86 -12.51 -6.81
C GLN A 79 10.57 -11.03 -6.70
N TYR A 80 9.49 -10.69 -6.01
CA TYR A 80 9.12 -9.31 -5.72
C TYR A 80 9.13 -8.46 -6.99
N GLU A 81 8.62 -9.02 -8.07
N GLU A 81 8.62 -9.03 -8.08
CA GLU A 81 8.65 -8.35 -9.36
CA GLU A 81 8.61 -8.37 -9.36
C GLU A 81 7.52 -7.33 -9.48
C GLU A 81 7.53 -7.29 -9.44
N ASN A 82 7.80 -6.28 -10.26
CA ASN A 82 6.82 -5.25 -10.61
C ASN A 82 6.41 -4.43 -9.40
N ILE A 83 7.36 -4.24 -8.50
CA ILE A 83 7.24 -3.41 -7.33
C ILE A 83 8.41 -2.44 -7.33
N SER A 84 8.11 -1.15 -7.16
CA SER A 84 9.11 -0.10 -7.27
C SER A 84 9.01 0.82 -6.07
N VAL A 85 10.16 1.11 -5.45
CA VAL A 85 10.23 2.09 -4.38
C VAL A 85 10.38 3.45 -5.05
N HIS A 86 9.31 4.22 -5.08
CA HIS A 86 9.31 5.53 -5.73
C HIS A 86 9.90 6.61 -4.82
N ARG A 87 9.73 6.48 -3.51
N ARG A 87 9.71 6.47 -3.51
CA ARG A 87 10.24 7.46 -2.56
CA ARG A 87 10.20 7.44 -2.52
C ARG A 87 10.61 6.73 -1.27
C ARG A 87 10.62 6.68 -1.28
N HIS A 88 11.87 6.90 -0.84
CA HIS A 88 12.33 6.29 0.39
C HIS A 88 11.82 7.11 1.57
N LEU A 89 12.10 6.64 2.78
CA LEU A 89 11.52 7.24 3.98
C LEU A 89 12.23 8.55 4.27
N MET A 90 11.56 9.66 3.97
N MET A 90 11.55 9.66 3.99
CA MET A 90 12.14 10.98 4.19
CA MET A 90 12.11 10.99 4.12
C MET A 90 11.00 11.99 4.24
C MET A 90 10.97 11.97 4.36
N LEU A 91 11.32 13.22 4.60
CA LEU A 91 10.33 14.27 4.61
C LEU A 91 9.79 14.48 3.20
N PRO A 92 8.49 14.72 3.04
CA PRO A 92 7.94 15.02 1.71
C PRO A 92 8.36 16.40 1.24
N ASP A 93 8.33 16.60 -0.08
CA ASP A 93 8.80 17.83 -0.69
C ASP A 93 8.04 18.07 -1.98
N PHE A 94 8.38 19.15 -2.69
CA PHE A 94 7.66 19.49 -3.93
C PHE A 94 8.13 18.65 -5.11
N ASP A 95 9.36 18.15 -5.08
CA ASP A 95 9.77 17.17 -6.10
C ASP A 95 8.87 15.96 -6.06
N LEU A 96 8.61 15.44 -4.86
CA LEU A 96 7.71 14.30 -4.72
C LEU A 96 6.34 14.65 -5.27
N LEU A 97 5.85 15.86 -4.97
CA LEU A 97 4.56 16.28 -5.49
C LEU A 97 4.57 16.30 -7.01
N GLU A 98 5.62 16.92 -7.60
CA GLU A 98 5.77 16.95 -9.06
C GLU A 98 5.80 15.54 -9.68
N GLN A 99 6.53 14.60 -9.09
CA GLN A 99 6.62 13.22 -9.62
C GLN A 99 5.32 12.47 -9.58
N ILE A 100 4.66 12.55 -8.45
CA ILE A 100 3.39 11.90 -8.32
C ILE A 100 2.38 12.41 -9.32
N GLU A 101 2.34 13.73 -9.54
CA GLU A 101 1.40 14.33 -10.48
C GLU A 101 1.75 13.98 -11.92
N ASN A 102 3.03 14.09 -12.28
CA ASN A 102 3.46 13.93 -13.67
C ASN A 102 4.14 12.58 -13.93
N VAL A 103 5.04 12.15 -13.04
CA VAL A 103 5.83 10.96 -13.30
C VAL A 103 4.98 9.70 -13.12
N VAL A 104 4.39 9.53 -11.94
CA VAL A 104 3.70 8.28 -11.63
C VAL A 104 2.58 8.05 -12.63
N GLU A 105 2.61 6.91 -13.29
CA GLU A 105 1.68 6.59 -14.34
C GLU A 105 1.11 5.23 -14.05
N PRO A 106 0.00 4.92 -14.67
CA PRO A 106 -0.52 3.56 -14.52
C PRO A 106 0.42 2.53 -15.12
N GLY A 107 0.52 1.39 -14.48
CA GLY A 107 1.27 0.28 -15.01
C GLY A 107 0.45 -0.53 -16.00
N SER A 108 1.13 -1.42 -16.71
CA SER A 108 0.48 -2.31 -17.68
C SER A 108 0.46 -3.75 -17.21
N VAL A 109 0.83 -4.00 -15.95
CA VAL A 109 0.90 -5.35 -15.40
C VAL A 109 0.19 -5.38 -14.05
N GLN A 110 0.37 -6.46 -13.32
CA GLN A 110 -0.18 -6.58 -11.99
C GLN A 110 0.89 -7.14 -11.06
N ALA A 111 0.76 -6.95 -9.76
CA ALA A 111 1.72 -7.49 -8.83
C ALA A 111 1.00 -8.03 -7.60
N ASP A 112 1.75 -8.79 -6.80
CA ASP A 112 1.25 -9.45 -5.60
C ASP A 112 1.28 -8.46 -4.42
N PHE A 113 0.10 -8.16 -3.85
CA PHE A 113 0.07 -7.12 -2.83
C PHE A 113 0.78 -7.55 -1.56
N LEU A 114 0.89 -8.85 -1.28
CA LEU A 114 1.65 -9.27 -0.10
C LEU A 114 3.14 -9.14 -0.34
N ASP A 115 3.61 -9.38 -1.57
CA ASP A 115 4.98 -9.00 -1.91
C ASP A 115 5.21 -7.51 -1.66
N ALA A 116 4.24 -6.68 -2.06
CA ALA A 116 4.42 -5.24 -1.89
C ALA A 116 4.43 -4.86 -0.41
N LEU A 117 3.60 -5.53 0.39
CA LEU A 117 3.62 -5.31 1.82
C LEU A 117 4.97 -5.67 2.42
N ILE A 118 5.55 -6.79 1.97
CA ILE A 118 6.86 -7.21 2.47
C ILE A 118 7.93 -6.20 2.10
N VAL A 119 7.93 -5.73 0.86
CA VAL A 119 8.86 -4.67 0.47
C VAL A 119 8.69 -3.46 1.37
N SER A 120 7.45 -3.09 1.65
CA SER A 120 7.21 -1.91 2.48
C SER A 120 7.71 -2.14 3.90
N MET A 121 7.51 -3.34 4.45
CA MET A 121 8.00 -3.66 5.78
C MET A 121 9.52 -3.67 5.83
N ASP A 122 10.15 -4.21 4.80
CA ASP A 122 11.62 -4.22 4.74
C ASP A 122 12.16 -2.81 4.66
N LEU A 123 11.52 -1.94 3.87
N LEU A 123 11.51 -1.95 3.88
CA LEU A 123 11.93 -0.54 3.80
CA LEU A 123 11.91 -0.55 3.78
C LEU A 123 11.85 0.11 5.16
C LEU A 123 11.84 0.13 5.14
N LEU A 124 10.74 -0.08 5.86
CA LEU A 124 10.59 0.52 7.19
C LEU A 124 11.62 -0.02 8.16
N GLN A 125 11.84 -1.34 8.13
CA GLN A 125 12.79 -1.95 9.07
C GLN A 125 14.17 -1.34 8.90
N LYS A 126 14.62 -1.20 7.65
CA LYS A 126 15.96 -0.66 7.43
C LYS A 126 16.02 0.83 7.69
N GLU A 127 15.04 1.58 7.18
CA GLU A 127 15.20 3.03 7.12
C GLU A 127 14.78 3.72 8.41
N THR A 128 14.21 3.00 9.37
CA THR A 128 13.95 3.54 10.70
C THR A 128 15.03 3.17 11.71
N LEU A 129 16.09 2.49 11.26
CA LEU A 129 17.15 2.08 12.18
C LEU A 129 17.79 3.29 12.85
N GLY A 130 17.95 3.19 14.17
CA GLY A 130 18.56 4.26 14.95
C GLY A 130 17.75 5.53 15.06
N LYS A 131 16.43 5.45 14.92
CA LYS A 131 15.59 6.62 15.01
C LYS A 131 14.35 6.26 15.82
N LYS A 132 13.72 7.29 16.39
CA LYS A 132 12.58 7.10 17.30
C LYS A 132 11.32 7.59 16.62
N TYR A 133 10.28 6.73 16.61
CA TYR A 133 9.01 7.07 15.98
C TYR A 133 7.87 6.77 16.94
N THR A 134 6.85 7.62 16.92
CA THR A 134 5.67 7.31 17.71
C THR A 134 4.88 6.16 17.10
N ARG A 135 4.75 6.15 15.77
CA ARG A 135 4.00 5.12 15.07
C ARG A 135 4.70 4.74 13.77
N LEU A 136 4.56 3.46 13.41
CA LEU A 136 4.88 2.97 12.09
C LEU A 136 3.57 2.64 11.38
N HIS A 137 3.43 3.09 10.13
CA HIS A 137 2.15 3.02 9.44
C HIS A 137 2.36 2.58 8.00
N ILE A 138 1.55 1.63 7.54
CA ILE A 138 1.50 1.24 6.13
C ILE A 138 0.05 1.37 5.66
N ALA A 139 -0.14 2.14 4.58
CA ALA A 139 -1.46 2.33 3.98
C ALA A 139 -1.43 1.74 2.59
N VAL A 140 -2.32 0.80 2.32
CA VAL A 140 -2.40 0.10 1.04
C VAL A 140 -3.63 0.62 0.30
N PHE A 141 -3.45 1.00 -0.97
CA PHE A 141 -4.54 1.42 -1.85
C PHE A 141 -4.63 0.46 -3.03
N SER A 142 -5.79 -0.19 -3.20
CA SER A 142 -5.90 -1.18 -4.27
C SER A 142 -7.35 -1.54 -4.49
N ASP A 143 -7.62 -2.09 -5.67
CA ASP A 143 -8.92 -2.69 -5.96
C ASP A 143 -8.91 -4.20 -5.79
N LEU A 144 -7.78 -4.80 -5.38
CA LEU A 144 -7.69 -6.22 -5.05
C LEU A 144 -8.07 -7.14 -6.21
N SER A 145 -7.83 -6.66 -7.44
N SER A 145 -7.85 -6.68 -7.45
CA SER A 145 -8.21 -7.38 -8.66
CA SER A 145 -8.28 -7.45 -8.61
C SER A 145 -7.27 -8.54 -8.99
C SER A 145 -7.33 -8.60 -8.96
N SER A 146 -6.06 -8.55 -8.46
N SER A 146 -6.09 -8.56 -8.51
CA SER A 146 -5.05 -9.48 -8.95
CA SER A 146 -5.10 -9.51 -8.99
C SER A 146 -4.69 -10.53 -7.92
C SER A 146 -4.72 -10.54 -7.94
N PRO A 147 -4.21 -11.69 -8.37
CA PRO A 147 -3.90 -12.77 -7.43
C PRO A 147 -2.73 -12.44 -6.51
N PHE A 148 -2.66 -13.21 -5.43
CA PHE A 148 -1.57 -13.10 -4.48
C PHE A 148 -1.32 -14.47 -3.86
N SER A 149 -0.12 -14.64 -3.33
CA SER A 149 0.25 -15.86 -2.63
C SER A 149 0.28 -15.59 -1.13
N VAL A 150 -0.27 -16.52 -0.35
CA VAL A 150 -0.27 -16.38 1.10
C VAL A 150 0.93 -17.08 1.76
N ASP A 151 1.90 -17.53 0.96
CA ASP A 151 3.06 -18.21 1.53
C ASP A 151 3.73 -17.37 2.60
N GLN A 152 3.87 -17.94 3.80
CA GLN A 152 4.55 -17.32 4.92
C GLN A 152 3.84 -16.07 5.45
N LEU A 153 2.55 -15.91 5.15
CA LEU A 153 1.82 -14.78 5.70
C LEU A 153 1.85 -14.76 7.21
N GLU A 154 1.90 -15.93 7.84
CA GLU A 154 1.97 -15.99 9.30
C GLU A 154 3.22 -15.29 9.84
N VAL A 155 4.32 -15.31 9.08
CA VAL A 155 5.52 -14.60 9.50
C VAL A 155 5.33 -13.09 9.38
N ILE A 156 4.71 -12.65 8.27
CA ILE A 156 4.42 -11.23 8.07
C ILE A 156 3.59 -10.70 9.24
N ILE A 157 2.51 -11.42 9.57
CA ILE A 157 1.65 -10.97 10.67
C ILE A 157 2.42 -10.90 11.98
N ALA A 158 3.25 -11.91 12.27
CA ALA A 158 4.05 -11.89 13.50
C ALA A 158 4.90 -10.62 13.57
N ASN A 159 5.51 -10.23 12.45
CA ASN A 159 6.39 -9.08 12.47
C ASN A 159 5.62 -7.77 12.51
N LEU A 160 4.46 -7.70 11.87
CA LEU A 160 3.63 -6.51 11.96
C LEU A 160 3.20 -6.26 13.40
N LYS A 161 2.92 -7.33 14.15
CA LYS A 161 2.64 -7.18 15.57
C LYS A 161 3.88 -6.78 16.34
N LYS A 162 5.00 -7.47 16.10
CA LYS A 162 6.22 -7.19 16.85
C LYS A 162 6.65 -5.74 16.69
N ALA A 163 6.54 -5.20 15.49
CA ALA A 163 6.94 -3.83 15.21
C ALA A 163 5.82 -2.83 15.49
N GLU A 164 4.66 -3.28 15.94
CA GLU A 164 3.53 -2.40 16.25
C GLU A 164 3.15 -1.52 15.06
N ILE A 165 3.13 -2.11 13.86
CA ILE A 165 2.81 -1.37 12.65
C ILE A 165 1.29 -1.28 12.52
N THR A 166 0.78 -0.08 12.27
CA THR A 166 -0.62 0.10 11.97
C THR A 166 -0.79 -0.04 10.47
N LEU A 167 -1.74 -0.89 10.06
CA LEU A 167 -1.99 -1.21 8.67
C LEU A 167 -3.40 -0.73 8.32
N GLN A 168 -3.52 -0.01 7.22
CA GLN A 168 -4.82 0.44 6.74
C GLN A 168 -4.95 0.02 5.30
N PHE A 169 -6.11 -0.54 4.94
CA PHE A 169 -6.43 -0.83 3.55
C PHE A 169 -7.51 0.09 3.03
N PHE A 170 -7.29 0.65 1.87
CA PHE A 170 -8.24 1.52 1.18
C PHE A 170 -8.59 0.92 -0.17
N LEU A 171 -9.89 0.77 -0.44
CA LEU A 171 -10.41 0.16 -1.65
C LEU A 171 -11.38 1.12 -2.33
N PRO A 172 -11.52 1.07 -3.67
CA PRO A 172 -12.40 2.03 -4.36
C PRO A 172 -13.86 1.62 -4.36
N PHE A 173 -14.27 0.92 -3.32
CA PHE A 173 -15.66 0.52 -3.14
C PHE A 173 -15.82 0.10 -1.69
N SER A 174 -17.07 0.16 -1.22
N SER A 174 -17.09 0.10 -1.26
CA SER A 174 -17.39 -0.30 0.12
CA SER A 174 -17.45 -0.33 0.06
C SER A 174 -17.62 -1.80 0.10
C SER A 174 -17.58 -1.84 0.07
N VAL A 175 -17.30 -2.44 1.22
CA VAL A 175 -17.46 -3.88 1.39
C VAL A 175 -18.41 -4.20 2.52
N ASP A 176 -19.17 -3.21 2.98
CA ASP A 176 -20.17 -3.45 4.02
C ASP A 176 -21.33 -4.28 3.47
N GLY A 180 -28.15 -2.12 -0.57
CA GLY A 180 -27.93 -1.61 -1.91
C GLY A 180 -27.58 -2.67 -2.92
N PRO A 181 -27.36 -2.28 -4.18
CA PRO A 181 -26.97 -3.27 -5.20
C PRO A 181 -25.55 -3.76 -4.97
N GLY A 182 -25.31 -5.01 -5.38
CA GLY A 182 -23.94 -5.48 -5.48
C GLY A 182 -23.15 -4.76 -6.55
N LYS A 183 -21.82 -4.77 -6.39
CA LYS A 183 -20.93 -3.97 -7.23
C LYS A 183 -20.18 -4.78 -8.27
N GLY A 184 -20.61 -6.00 -8.57
CA GLY A 184 -19.92 -6.78 -9.58
C GLY A 184 -18.48 -7.09 -9.25
N LEU A 185 -18.19 -7.39 -7.99
CA LEU A 185 -16.83 -7.74 -7.61
C LEU A 185 -16.51 -9.15 -8.07
N SER A 186 -15.31 -9.32 -8.63
CA SER A 186 -14.87 -10.63 -9.09
C SER A 186 -14.60 -11.54 -7.89
N ASP A 187 -14.51 -12.84 -8.18
CA ASP A 187 -14.14 -13.79 -7.15
C ASP A 187 -12.78 -13.43 -6.56
N GLN A 188 -11.84 -13.00 -7.40
CA GLN A 188 -10.52 -12.64 -6.91
C GLN A 188 -10.60 -11.44 -5.97
N GLN A 189 -11.41 -10.43 -6.31
CA GLN A 189 -11.60 -9.32 -5.39
C GLN A 189 -12.21 -9.79 -4.09
N LYS A 190 -13.21 -10.68 -4.15
CA LYS A 190 -13.80 -11.19 -2.93
C LYS A 190 -12.79 -11.95 -2.09
N GLU A 191 -11.93 -12.74 -2.74
CA GLU A 191 -10.83 -13.40 -2.00
C GLU A 191 -9.87 -12.41 -1.37
N GLY A 192 -9.53 -11.35 -2.10
CA GLY A 192 -8.66 -10.33 -1.52
C GLY A 192 -9.30 -9.65 -0.32
N ILE A 193 -10.59 -9.34 -0.40
CA ILE A 193 -11.29 -8.72 0.71
C ILE A 193 -11.26 -9.63 1.93
N GLU A 194 -11.56 -10.91 1.73
CA GLU A 194 -11.53 -11.85 2.84
C GLU A 194 -10.13 -11.94 3.44
N MET A 195 -9.10 -11.92 2.62
CA MET A 195 -7.75 -11.97 3.15
C MET A 195 -7.41 -10.74 3.96
N VAL A 196 -7.80 -9.58 3.44
CA VAL A 196 -7.66 -8.34 4.20
C VAL A 196 -8.33 -8.48 5.55
N ARG A 197 -9.56 -8.96 5.59
CA ARG A 197 -10.25 -9.19 6.84
C ARG A 197 -9.48 -10.14 7.76
N LYS A 198 -8.91 -11.23 7.22
CA LYS A 198 -8.17 -12.16 8.07
C LYS A 198 -6.91 -11.50 8.63
N ILE A 199 -6.23 -10.70 7.81
CA ILE A 199 -5.04 -9.98 8.28
C ILE A 199 -5.42 -8.99 9.38
N MET A 200 -6.42 -8.17 9.14
CA MET A 200 -6.80 -7.15 10.09
C MET A 200 -7.33 -7.76 11.39
N PHE A 201 -8.08 -8.87 11.30
CA PHE A 201 -8.53 -9.54 12.51
C PHE A 201 -7.33 -10.12 13.28
N SER A 202 -6.35 -10.68 12.55
CA SER A 202 -5.15 -11.20 13.21
C SER A 202 -4.44 -10.11 14.00
N LEU A 203 -4.49 -8.90 13.52
CA LEU A 203 -3.82 -7.82 14.16
C LEU A 203 -4.59 -7.12 15.25
N ASP A 204 -5.85 -6.83 14.98
CA ASP A 204 -6.73 -6.10 15.86
C ASP A 204 -7.95 -6.85 16.38
N GLY A 205 -8.11 -8.11 16.03
CA GLY A 205 -9.25 -8.87 16.52
C GLY A 205 -10.55 -8.45 15.84
N GLU A 206 -11.66 -8.79 16.51
CA GLU A 206 -13.00 -8.56 16.00
C GLU A 206 -13.14 -7.16 15.39
N GLU A 207 -12.57 -6.15 16.03
CA GLU A 207 -12.58 -4.81 15.47
C GLU A 207 -12.08 -4.81 14.03
N GLY A 208 -11.06 -5.64 13.75
CA GLY A 208 -10.42 -5.60 12.45
C GLY A 208 -11.34 -6.02 11.31
N LEU A 209 -12.29 -6.93 11.58
CA LEU A 209 -13.17 -7.42 10.53
C LEU A 209 -13.86 -6.30 9.77
N SER A 210 -13.97 -5.11 10.38
CA SER A 210 -14.57 -3.95 9.73
C SER A 210 -13.54 -2.92 9.28
N GLU A 211 -12.25 -3.13 9.56
CA GLU A 211 -11.20 -2.18 9.17
C GLU A 211 -10.78 -2.35 7.71
N VAL A 212 -11.74 -2.11 6.85
CA VAL A 212 -11.51 -1.99 5.43
C VAL A 212 -12.16 -0.66 5.10
N PHE A 213 -11.41 0.23 4.46
CA PHE A 213 -11.86 1.58 4.23
C PHE A 213 -11.99 1.85 2.73
N THR A 214 -12.68 2.91 2.40
CA THR A 214 -12.89 3.30 1.02
C THR A 214 -12.04 4.47 0.60
N PHE A 215 -11.83 4.60 -0.69
CA PHE A 215 -11.10 5.76 -1.20
C PHE A 215 -11.77 7.05 -0.74
N ARG A 216 -13.11 7.09 -0.72
CA ARG A 216 -13.81 8.31 -0.36
C ARG A 216 -13.51 8.76 1.07
N ASP A 217 -13.18 7.82 1.96
CA ASP A 217 -12.86 8.17 3.34
C ASP A 217 -11.36 8.14 3.62
N SER A 218 -10.53 7.86 2.59
CA SER A 218 -9.14 7.55 2.86
C SER A 218 -8.35 8.77 3.34
N LEU A 219 -8.59 9.94 2.76
CA LEU A 219 -7.80 11.11 3.13
C LEU A 219 -7.93 11.40 4.61
N GLU A 220 -9.16 11.34 5.13
CA GLU A 220 -9.36 11.63 6.53
C GLU A 220 -8.83 10.52 7.43
N ARG A 221 -9.01 9.25 7.03
CA ARG A 221 -8.46 8.13 7.82
C ARG A 221 -6.92 8.17 7.87
N LEU A 222 -6.27 8.55 6.76
CA LEU A 222 -4.83 8.72 6.77
C LEU A 222 -4.40 9.81 7.75
N SER A 223 -5.09 10.95 7.73
CA SER A 223 -4.68 12.14 8.46
C SER A 223 -5.00 12.08 9.94
N ILE A 224 -5.49 10.96 10.46
CA ILE A 224 -5.76 10.86 11.89
C ILE A 224 -4.48 11.13 12.68
N LYS B 4 2.54 -20.64 -5.05
CA LYS B 4 3.70 -19.77 -5.30
C LYS B 4 4.45 -19.47 -3.97
N THR B 5 5.62 -20.06 -3.76
CA THR B 5 6.43 -19.74 -2.60
C THR B 5 7.19 -18.45 -2.81
N ARG B 6 7.51 -17.80 -1.70
CA ARG B 6 8.37 -16.63 -1.70
C ARG B 6 9.50 -16.85 -0.71
N VAL B 7 10.55 -16.06 -0.86
CA VAL B 7 11.69 -16.06 0.06
C VAL B 7 11.63 -14.75 0.83
N LEU B 8 11.50 -14.85 2.14
CA LEU B 8 11.47 -13.65 2.96
C LEU B 8 12.88 -13.21 3.29
N PRO B 9 13.12 -11.91 3.44
CA PRO B 9 14.44 -11.47 3.89
C PRO B 9 14.76 -12.05 5.27
N SER B 10 16.06 -12.28 5.51
CA SER B 10 16.49 -13.00 6.70
C SER B 10 16.03 -12.31 7.99
N TRP B 11 15.99 -10.98 8.00
CA TRP B 11 15.61 -10.31 9.25
C TRP B 11 14.21 -10.70 9.70
N LEU B 12 13.35 -11.09 8.75
CA LEU B 12 11.98 -11.46 9.09
C LEU B 12 11.91 -12.86 9.69
N THR B 13 12.82 -13.76 9.32
CA THR B 13 12.76 -15.15 9.75
C THR B 13 13.80 -15.49 10.82
N ALA B 14 14.69 -14.58 11.15
CA ALA B 14 15.74 -14.86 12.12
C ALA B 14 15.16 -15.33 13.45
#